data_6BOR
#
_entry.id   6BOR
#
_cell.length_a   44.408
_cell.length_b   60.204
_cell.length_c   73.014
_cell.angle_alpha   82.940
_cell.angle_beta   80.290
_cell.angle_gamma   89.100
#
_symmetry.space_group_name_H-M   'P 1'
#
loop_
_entity.id
_entity.type
_entity.pdbx_description
1 polymer 'DNA-(apurinic or apyrimidinic site) lyase'
2 polymer '21-mer DNA'
3 polymer '21-mer DNA'
4 non-polymer 1,2-ETHANEDIOL
5 non-polymer 'CHLORIDE ION'
6 water water
#
loop_
_entity_poly.entity_id
_entity_poly.type
_entity_poly.pdbx_seq_one_letter_code
_entity_poly.pdbx_strand_id
1 'polypeptide(L)'
;MPKRGKKGAVAEDGDELRTEPEAKKSKTAAKKNDKEAAGEGPALYEDPPDQKTSPSGKPATLKICSWNVDGLRAWIKKKG
LDWVKEEAPDILCLQQTKCSENKLPAELQELPGLSHQYWSAPSDKEGYSGVGLLSRQCPLKVSYGIGDEEHDQEGRVIVA
EFDSFVLVTAYVPNAGRGLVRLEYRQRWDEAFRKFLKGLASRKPLVLCGNLNVAHEEIDLRNPKGNKKNAGFTPQERQGF
GELLQAVPLADSFRHLYPNTPYAYTFWTYMMNARSKNVGWRLDYFLLSHSLLPALCDSKIRSKALGSDHCPITLYLAL
;
A,B
2 'polydeoxyribonucleotide'
;(DG)(DC)(DT)(DG)(DA)(DT)(DG)(DC)(DG)(DG)(3DR)(DC)(DG)(DA)(DC)(DG)(DG)(DA)(DT)
(DC)(DC)
;
P
3 'polydeoxyribonucleotide'
;(DG)(DG)(DA)(DT)(DC)(DC)(DG)(DT)(DC)(DG)(DA)(DG)(DC)(DG)(DC)(DA)(DT)(DC)(DA)(DG)
(DC)
;
V
#
# COMPACT_ATOMS: atom_id res chain seq x y z
N ALA A 43 37.54 -1.31 20.61
CA ALA A 43 37.05 -0.76 21.86
C ALA A 43 35.56 -0.99 21.99
N LEU A 44 35.08 -1.22 23.21
CA LEU A 44 33.65 -1.30 23.43
C LEU A 44 33.06 0.11 23.43
N TYR A 45 31.73 0.19 23.39
CA TYR A 45 31.09 1.51 23.27
C TYR A 45 29.92 1.62 24.24
N GLU A 46 29.81 2.78 24.92
CA GLU A 46 28.69 3.06 25.82
C GLU A 46 28.00 4.33 25.36
N ASP A 47 26.81 4.20 24.82
CA ASP A 47 26.08 5.36 24.35
C ASP A 47 25.86 6.29 25.54
N PRO A 48 26.05 7.59 25.39
CA PRO A 48 25.82 8.52 26.51
C PRO A 48 24.35 8.64 26.86
N PRO A 49 24.05 9.27 28.01
CA PRO A 49 22.66 9.37 28.47
C PRO A 49 21.79 10.16 27.49
N ASP A 50 20.48 9.83 27.54
CA ASP A 50 19.50 10.51 26.69
C ASP A 50 19.40 11.98 27.05
N GLN A 51 19.64 12.86 26.06
CA GLN A 51 19.48 14.29 26.24
C GLN A 51 18.07 14.66 25.73
N LYS A 52 17.20 15.15 26.62
CA LYS A 52 15.79 15.23 26.29
C LYS A 52 15.29 16.65 26.11
N THR A 53 16.21 17.60 25.92
CA THR A 53 15.85 19.00 25.78
CA THR A 53 15.85 19.00 25.79
C THR A 53 16.67 19.59 24.65
N SER A 54 16.04 20.46 23.85
CA SER A 54 16.66 21.01 22.65
C SER A 54 17.67 22.10 23.01
N PRO A 55 18.47 22.56 22.05
CA PRO A 55 19.42 23.65 22.34
C PRO A 55 18.75 24.88 22.99
N SER A 56 17.52 25.24 22.57
CA SER A 56 16.78 26.35 23.17
C SER A 56 16.00 25.99 24.43
N GLY A 57 16.16 24.80 24.96
CA GLY A 57 15.49 24.51 26.19
C GLY A 57 14.11 23.92 26.05
N LYS A 58 13.67 23.58 24.82
CA LYS A 58 12.35 22.96 24.67
C LYS A 58 12.42 21.46 24.98
N PRO A 59 11.43 20.91 25.66
CA PRO A 59 11.46 19.48 25.98
C PRO A 59 11.09 18.64 24.76
N ALA A 60 11.69 17.46 24.66
CA ALA A 60 11.36 16.55 23.57
C ALA A 60 9.90 16.16 23.68
N THR A 61 9.21 16.19 22.57
CA THR A 61 7.81 15.76 22.54
C THR A 61 7.57 14.57 21.64
N LEU A 62 8.59 14.13 20.90
CA LEU A 62 8.42 13.08 19.88
C LEU A 62 9.62 12.18 19.94
N LYS A 63 9.38 10.88 20.11
CA LYS A 63 10.43 9.88 20.17
C LYS A 63 10.20 8.91 19.02
N ILE A 64 11.19 8.78 18.14
CA ILE A 64 11.10 7.89 16.98
C ILE A 64 12.16 6.79 17.14
N CYS A 65 11.78 5.52 17.00
CA CYS A 65 12.73 4.44 17.07
C CYS A 65 12.76 3.75 15.69
N SER A 66 13.94 3.40 15.24
CA SER A 66 14.15 2.70 13.97
C SER A 66 14.96 1.44 14.22
N TRP A 67 14.55 0.33 13.64
CA TRP A 67 15.23 -0.91 13.94
C TRP A 67 15.16 -1.78 12.70
N ASN A 68 16.33 -2.16 12.19
CA ASN A 68 16.44 -3.17 11.14
C ASN A 68 16.36 -4.54 11.82
N VAL A 69 15.19 -5.20 11.75
CA VAL A 69 14.96 -6.33 12.67
C VAL A 69 15.44 -7.66 12.10
N ASP A 70 15.79 -7.72 10.81
CA ASP A 70 16.31 -8.94 10.18
C ASP A 70 15.41 -10.16 10.43
N GLY A 71 14.17 -10.06 9.98
CA GLY A 71 13.20 -11.12 10.11
C GLY A 71 12.29 -10.81 11.28
N LEU A 72 11.19 -10.15 10.95
CA LEU A 72 10.26 -9.62 11.94
C LEU A 72 9.70 -10.74 12.82
N ARG A 73 9.38 -11.90 12.23
CA ARG A 73 8.81 -12.96 13.05
C ARG A 73 9.85 -13.56 13.98
N ALA A 74 11.09 -13.65 13.54
CA ALA A 74 12.13 -14.18 14.42
C ALA A 74 12.44 -13.19 15.52
N TRP A 75 12.49 -11.91 15.14
CA TRP A 75 12.76 -10.83 16.09
C TRP A 75 11.70 -10.80 17.18
N ILE A 76 10.44 -11.04 16.82
CA ILE A 76 9.40 -11.09 17.86
C ILE A 76 9.65 -12.26 18.80
N LYS A 77 9.99 -13.43 18.26
CA LYS A 77 10.26 -14.60 19.09
C LYS A 77 11.47 -14.40 19.97
N LYS A 78 12.40 -13.54 19.54
CA LYS A 78 13.51 -13.12 20.39
C LYS A 78 13.17 -11.91 21.26
N LYS A 79 11.88 -11.59 21.47
CA LYS A 79 11.41 -10.59 22.44
C LYS A 79 11.67 -9.15 22.01
N GLY A 80 11.83 -8.88 20.71
CA GLY A 80 12.10 -7.51 20.28
C GLY A 80 10.98 -6.57 20.64
N LEU A 81 9.74 -7.09 20.68
CA LEU A 81 8.63 -6.20 21.06
C LEU A 81 8.65 -5.90 22.54
N ASP A 82 9.23 -6.77 23.35
CA ASP A 82 9.34 -6.40 24.75
C ASP A 82 10.26 -5.19 24.88
N TRP A 83 11.32 -5.15 24.08
CA TRP A 83 12.23 -4.00 24.11
C TRP A 83 11.52 -2.73 23.60
N VAL A 84 10.74 -2.85 22.53
CA VAL A 84 10.02 -1.70 22.01
C VAL A 84 9.09 -1.12 23.06
N LYS A 85 8.41 -2.00 23.80
CA LYS A 85 7.48 -1.57 24.84
C LYS A 85 8.21 -0.74 25.88
N GLU A 86 9.40 -1.18 26.30
CA GLU A 86 10.19 -0.42 27.26
C GLU A 86 10.68 0.90 26.67
N GLU A 87 10.92 0.97 25.36
CA GLU A 87 11.41 2.20 24.74
C GLU A 87 10.26 3.18 24.55
N ALA A 88 9.06 2.66 24.39
CA ALA A 88 7.83 3.45 24.25
C ALA A 88 7.97 4.61 23.26
N PRO A 89 8.37 4.33 22.02
CA PRO A 89 8.44 5.39 21.01
C PRO A 89 7.04 5.83 20.57
N ASP A 90 6.94 7.09 20.13
CA ASP A 90 5.75 7.54 19.43
C ASP A 90 5.61 6.91 18.05
N ILE A 91 6.75 6.66 17.40
CA ILE A 91 6.76 6.11 16.04
C ILE A 91 7.87 5.07 16.02
N LEU A 92 7.57 3.92 15.40
CA LEU A 92 8.52 2.82 15.26
C LEU A 92 8.63 2.52 13.78
N CYS A 93 9.85 2.61 13.23
CA CYS A 93 10.13 2.22 11.85
C CYS A 93 10.94 0.94 11.88
N LEU A 94 10.52 -0.04 11.06
CA LEU A 94 11.17 -1.35 11.01
C LEU A 94 11.65 -1.69 9.60
N GLN A 95 12.83 -2.29 9.47
CA GLN A 95 13.37 -2.64 8.18
C GLN A 95 13.83 -4.09 8.14
N GLN A 96 13.90 -4.62 6.91
CA GLN A 96 14.22 -6.03 6.70
C GLN A 96 13.26 -6.92 7.49
N THR A 97 11.96 -6.62 7.37
CA THR A 97 10.96 -7.41 8.12
C THR A 97 10.82 -8.83 7.54
N LYS A 98 11.09 -9.01 6.24
CA LYS A 98 10.95 -10.33 5.61
C LYS A 98 9.57 -10.94 5.89
N CYS A 99 8.52 -10.15 5.76
CA CYS A 99 7.21 -10.62 6.22
C CYS A 99 6.12 -9.92 5.43
N SER A 100 5.31 -10.65 4.67
CA SER A 100 4.17 -10.01 4.05
C SER A 100 3.09 -9.76 5.10
N GLU A 101 2.15 -8.91 4.77
CA GLU A 101 1.29 -8.40 5.83
C GLU A 101 0.37 -9.49 6.36
N ASN A 102 -0.04 -10.43 5.52
CA ASN A 102 -0.87 -11.54 5.98
C ASN A 102 -0.17 -12.40 7.01
N LYS A 103 1.16 -12.34 7.12
CA LYS A 103 1.91 -13.19 8.06
C LYS A 103 2.36 -12.45 9.33
N LEU A 104 1.88 -11.21 9.56
CA LEU A 104 2.29 -10.48 10.76
C LEU A 104 1.80 -11.22 12.00
N PRO A 105 2.65 -11.40 13.01
CA PRO A 105 2.20 -12.06 14.23
C PRO A 105 1.14 -11.27 14.95
N ALA A 106 0.32 -12.01 15.69
CA ALA A 106 -0.79 -11.45 16.47
C ALA A 106 -0.32 -10.39 17.43
N GLU A 107 0.86 -10.56 18.01
CA GLU A 107 1.40 -9.62 18.98
C GLU A 107 1.35 -8.17 18.46
N LEU A 108 1.48 -7.98 17.15
CA LEU A 108 1.48 -6.63 16.63
C LEU A 108 0.11 -5.99 16.74
N GLN A 109 -0.93 -6.80 16.96
CA GLN A 109 -2.29 -6.36 17.21
C GLN A 109 -2.53 -6.05 18.68
N GLU A 110 -1.49 -6.09 19.49
CA GLU A 110 -1.63 -5.78 20.92
C GLU A 110 -0.75 -4.61 21.31
N LEU A 111 -0.60 -3.62 20.41
CA LEU A 111 0.25 -2.47 20.68
C LEU A 111 -0.66 -1.25 20.67
N PRO A 112 -1.38 -0.99 21.77
CA PRO A 112 -2.38 0.10 21.74
C PRO A 112 -1.76 1.49 21.59
N GLY A 113 -0.48 1.69 21.97
CA GLY A 113 0.15 2.97 21.72
C GLY A 113 0.85 3.09 20.37
N LEU A 114 0.78 2.07 19.52
CA LEU A 114 1.33 2.09 18.16
C LEU A 114 0.31 1.49 17.20
N SER A 115 -0.91 2.04 17.21
CA SER A 115 -2.05 1.39 16.60
C SER A 115 -2.22 1.70 15.12
N HIS A 116 -1.51 2.69 14.57
CA HIS A 116 -1.62 3.00 13.16
C HIS A 116 -0.43 2.35 12.47
N GLN A 117 -0.67 1.31 11.69
CA GLN A 117 0.44 0.50 11.20
C GLN A 117 0.38 0.38 9.68
N TYR A 118 1.55 0.51 9.05
CA TYR A 118 1.68 0.49 7.60
C TYR A 118 2.81 -0.48 7.29
N TRP A 119 2.57 -1.37 6.32
CA TRP A 119 3.49 -2.44 6.01
C TRP A 119 3.74 -2.53 4.53
N SER A 120 4.93 -3.02 4.18
CA SER A 120 5.24 -3.17 2.77
C SER A 120 6.19 -4.35 2.62
N ALA A 121 6.03 -5.10 1.53
CA ALA A 121 6.89 -6.23 1.28
C ALA A 121 6.98 -6.38 -0.25
N PRO A 122 8.08 -6.88 -0.76
CA PRO A 122 8.23 -6.93 -2.23
C PRO A 122 7.34 -8.00 -2.85
N SER A 123 6.87 -7.73 -4.07
CA SER A 123 5.95 -8.69 -4.67
C SER A 123 6.69 -9.89 -5.27
N ASP A 124 7.89 -9.74 -5.79
CA ASP A 124 8.49 -10.99 -6.27
C ASP A 124 9.18 -11.73 -5.11
N LYS A 125 10.05 -11.01 -4.39
CA LYS A 125 11.06 -11.59 -3.51
C LYS A 125 10.52 -11.71 -2.08
N GLU A 126 9.42 -12.45 -1.96
CA GLU A 126 8.85 -12.65 -0.65
C GLU A 126 9.90 -13.38 0.22
N GLY A 127 10.02 -12.92 1.47
CA GLY A 127 11.07 -13.37 2.36
C GLY A 127 12.25 -12.42 2.46
N TYR A 128 12.27 -11.36 1.64
CA TYR A 128 13.38 -10.41 1.63
C TYR A 128 12.82 -9.01 1.77
N SER A 129 13.73 -8.08 2.09
CA SER A 129 13.38 -6.70 2.35
CA SER A 129 13.42 -6.69 2.39
C SER A 129 12.18 -6.62 3.26
N GLY A 130 11.27 -5.68 3.02
CA GLY A 130 10.10 -5.52 3.86
C GLY A 130 10.36 -4.42 4.88
N VAL A 131 9.42 -3.49 4.96
CA VAL A 131 9.51 -2.41 5.94
C VAL A 131 8.15 -2.16 6.58
N GLY A 132 8.18 -1.50 7.73
CA GLY A 132 6.98 -1.19 8.49
C GLY A 132 7.11 0.16 9.17
N LEU A 133 5.98 0.85 9.35
CA LEU A 133 5.90 2.08 10.12
C LEU A 133 4.70 2.01 11.04
N LEU A 134 4.91 2.17 12.33
CA LEU A 134 3.87 2.05 13.33
C LEU A 134 3.87 3.35 14.13
N SER A 135 2.68 3.92 14.37
CA SER A 135 2.64 5.26 14.94
CA SER A 135 2.61 5.27 14.91
C SER A 135 1.51 5.40 15.94
N ARG A 136 1.78 6.19 16.98
CA ARG A 136 0.77 6.47 18.00
C ARG A 136 -0.38 7.31 17.43
N GLN A 137 -0.05 8.34 16.66
CA GLN A 137 -1.04 9.19 16.03
C GLN A 137 -1.12 8.86 14.56
N CYS A 138 -2.29 9.09 13.96
CA CYS A 138 -2.48 8.72 12.55
C CYS A 138 -1.78 9.74 11.64
N PRO A 139 -0.96 9.29 10.71
CA PRO A 139 -0.35 10.25 9.80
C PRO A 139 -1.42 10.82 8.87
N LEU A 140 -1.08 11.96 8.26
CA LEU A 140 -1.98 12.62 7.33
C LEU A 140 -1.98 11.92 5.99
N LYS A 141 -0.84 11.40 5.57
CA LYS A 141 -0.71 10.75 4.27
C LYS A 141 0.30 9.63 4.43
N VAL A 142 0.11 8.53 3.73
CA VAL A 142 1.13 7.47 3.70
C VAL A 142 1.33 7.06 2.26
N SER A 143 2.58 6.83 1.84
CA SER A 143 2.80 6.29 0.49
C SER A 143 3.97 5.32 0.54
N TYR A 144 4.19 4.57 -0.57
CA TYR A 144 5.17 3.49 -0.58
C TYR A 144 6.11 3.63 -1.77
N GLY A 145 7.40 3.41 -1.55
CA GLY A 145 8.36 3.36 -2.64
C GLY A 145 8.79 4.74 -3.05
N ILE A 146 9.52 4.82 -4.15
CA ILE A 146 10.19 6.09 -4.45
C ILE A 146 9.77 6.65 -5.80
N GLY A 147 8.64 6.17 -6.31
CA GLY A 147 8.04 6.75 -7.51
C GLY A 147 7.29 5.77 -8.41
N ASP A 148 7.62 4.49 -8.36
CA ASP A 148 6.92 3.54 -9.25
C ASP A 148 6.66 2.24 -8.52
N GLU A 149 6.40 2.32 -7.21
CA GLU A 149 6.13 1.13 -6.41
C GLU A 149 5.00 0.29 -7.03
N GLU A 150 4.05 0.92 -7.72
CA GLU A 150 2.92 0.14 -8.21
C GLU A 150 3.33 -0.82 -9.31
N HIS A 151 4.45 -0.54 -10.01
CA HIS A 151 4.97 -1.41 -11.05
C HIS A 151 6.19 -2.19 -10.59
N ASP A 152 6.95 -1.67 -9.66
CA ASP A 152 8.16 -2.33 -9.16
C ASP A 152 7.97 -2.33 -7.65
N GLN A 153 7.18 -3.28 -7.15
CA GLN A 153 6.81 -3.27 -5.72
C GLN A 153 7.98 -3.79 -4.92
N GLU A 154 8.84 -2.86 -4.47
CA GLU A 154 10.09 -3.30 -3.87
C GLU A 154 10.03 -3.52 -2.36
N GLY A 155 9.04 -2.96 -1.66
CA GLY A 155 8.98 -3.17 -0.20
C GLY A 155 10.18 -2.61 0.54
N ARG A 156 10.70 -1.47 0.11
CA ARG A 156 11.87 -0.88 0.78
C ARG A 156 11.61 0.46 1.44
N VAL A 157 10.58 1.19 1.04
CA VAL A 157 10.43 2.58 1.50
C VAL A 157 8.98 2.87 1.87
N ILE A 158 8.77 3.54 3.01
CA ILE A 158 7.49 4.08 3.46
C ILE A 158 7.66 5.56 3.72
N VAL A 159 6.71 6.36 3.20
CA VAL A 159 6.66 7.82 3.45
C VAL A 159 5.40 8.10 4.26
N ALA A 160 5.54 8.83 5.35
CA ALA A 160 4.40 9.22 6.18
C ALA A 160 4.50 10.70 6.53
N GLU A 161 3.47 11.43 6.19
CA GLU A 161 3.39 12.84 6.48
C GLU A 161 2.58 13.08 7.77
N PHE A 162 3.20 13.81 8.70
CA PHE A 162 2.61 14.26 9.93
C PHE A 162 2.39 15.79 9.83
N ASP A 163 1.84 16.38 10.90
CA ASP A 163 1.60 17.83 10.92
C ASP A 163 2.84 18.64 10.59
N SER A 164 3.94 18.39 11.31
CA SER A 164 5.11 19.25 11.24
C SER A 164 6.25 18.70 10.38
N PHE A 165 6.18 17.45 9.92
CA PHE A 165 7.31 16.91 9.19
C PHE A 165 6.84 15.71 8.38
N VAL A 166 7.67 15.34 7.42
CA VAL A 166 7.50 14.12 6.64
C VAL A 166 8.55 13.13 7.10
N LEU A 167 8.12 11.89 7.36
CA LEU A 167 9.02 10.82 7.79
C LEU A 167 9.21 9.84 6.65
N VAL A 168 10.45 9.48 6.36
CA VAL A 168 10.72 8.43 5.40
C VAL A 168 11.52 7.35 6.10
N THR A 169 11.10 6.10 5.95
CA THR A 169 11.98 5.03 6.41
C THR A 169 12.36 4.15 5.23
N ALA A 170 13.60 3.67 5.26
CA ALA A 170 14.14 3.02 4.09
C ALA A 170 14.99 1.82 4.47
N TYR A 171 14.92 0.79 3.62
CA TYR A 171 15.82 -0.34 3.63
C TYR A 171 16.57 -0.28 2.30
N VAL A 172 17.75 0.34 2.33
CA VAL A 172 18.47 0.67 1.11
C VAL A 172 19.12 -0.56 0.50
N PRO A 173 19.09 -0.73 -0.82
CA PRO A 173 19.63 -1.97 -1.43
C PRO A 173 21.10 -2.15 -1.14
N ASN A 174 21.45 -3.35 -0.67
CA ASN A 174 22.84 -3.71 -0.44
C ASN A 174 23.59 -3.81 -1.77
N ALA A 175 24.86 -3.39 -1.77
CA ALA A 175 25.64 -3.48 -3.02
C ALA A 175 26.03 -4.91 -3.40
N GLY A 176 25.88 -5.90 -2.52
CA GLY A 176 26.09 -7.29 -2.89
C GLY A 176 27.49 -7.79 -2.58
N ARG A 177 27.57 -9.09 -2.26
CA ARG A 177 28.88 -9.71 -2.15
C ARG A 177 29.58 -9.55 -3.49
N GLY A 178 30.83 -9.20 -3.42
CA GLY A 178 31.65 -8.93 -4.59
C GLY A 178 31.18 -7.73 -5.40
N LEU A 179 30.33 -6.88 -4.82
CA LEU A 179 29.83 -5.66 -5.45
C LEU A 179 28.97 -5.93 -6.68
N VAL A 180 28.37 -7.11 -6.77
CA VAL A 180 27.63 -7.50 -7.97
CA VAL A 180 27.64 -7.47 -8.00
C VAL A 180 26.45 -6.56 -8.25
N ARG A 181 25.91 -5.89 -7.22
CA ARG A 181 24.79 -4.99 -7.43
C ARG A 181 25.15 -3.55 -7.14
N LEU A 182 26.45 -3.21 -7.22
CA LEU A 182 26.86 -1.84 -6.89
C LEU A 182 26.33 -0.83 -7.89
N GLU A 183 26.35 -1.16 -9.19
CA GLU A 183 25.83 -0.16 -10.12
C GLU A 183 24.34 0.09 -9.87
N TYR A 184 23.61 -0.98 -9.61
CA TYR A 184 22.20 -0.79 -9.30
C TYR A 184 22.06 0.12 -8.07
N ARG A 185 22.88 -0.13 -7.06
CA ARG A 185 22.82 0.71 -5.85
C ARG A 185 23.06 2.18 -6.20
N GLN A 186 24.00 2.45 -7.09
CA GLN A 186 24.31 3.84 -7.44
C GLN A 186 23.15 4.48 -8.16
N ARG A 187 22.51 3.73 -9.07
CA ARG A 187 21.35 4.26 -9.76
C ARG A 187 20.19 4.44 -8.78
N TRP A 188 20.03 3.48 -7.84
CA TRP A 188 19.01 3.64 -6.80
C TRP A 188 19.27 4.89 -5.97
N ASP A 189 20.54 5.10 -5.55
CA ASP A 189 20.88 6.26 -4.71
C ASP A 189 20.45 7.55 -5.40
N GLU A 190 20.75 7.65 -6.69
CA GLU A 190 20.38 8.85 -7.43
C GLU A 190 18.88 9.00 -7.50
N ALA A 191 18.16 7.92 -7.80
CA ALA A 191 16.71 8.05 -7.87
C ALA A 191 16.15 8.48 -6.53
N PHE A 192 16.71 7.93 -5.45
CA PHE A 192 16.23 8.23 -4.11
C PHE A 192 16.50 9.66 -3.74
N ARG A 193 17.71 10.15 -4.05
CA ARG A 193 18.04 11.55 -3.78
C ARG A 193 17.03 12.50 -4.42
N LYS A 194 16.79 12.30 -5.71
CA LYS A 194 15.81 13.12 -6.42
C LYS A 194 14.44 13.04 -5.76
N PHE A 195 14.00 11.81 -5.42
CA PHE A 195 12.71 11.64 -4.76
C PHE A 195 12.65 12.43 -3.46
N LEU A 196 13.69 12.32 -2.63
CA LEU A 196 13.65 13.02 -1.35
C LEU A 196 13.75 14.54 -1.51
N LYS A 197 14.50 15.00 -2.51
CA LYS A 197 14.60 16.44 -2.75
C LYS A 197 13.20 17.01 -3.00
N GLY A 198 12.40 16.32 -3.84
CA GLY A 198 11.00 16.70 -4.03
C GLY A 198 10.19 16.81 -2.73
N LEU A 199 10.27 15.78 -1.88
CA LEU A 199 9.51 15.82 -0.63
C LEU A 199 9.94 16.96 0.28
N ALA A 200 11.25 17.11 0.50
CA ALA A 200 11.75 18.13 1.44
C ALA A 200 11.45 19.53 0.95
N SER A 201 11.12 19.69 -0.33
CA SER A 201 10.78 21.03 -0.77
C SER A 201 9.46 21.53 -0.21
N ARG A 202 8.69 20.69 0.53
CA ARG A 202 7.34 20.97 1.00
C ARG A 202 7.23 21.08 2.51
N LYS A 203 7.69 20.06 3.24
CA LYS A 203 7.75 20.02 4.69
C LYS A 203 9.15 19.54 5.07
N PRO A 204 9.62 19.81 6.28
CA PRO A 204 10.90 19.24 6.68
C PRO A 204 10.82 17.71 6.74
N LEU A 205 11.98 17.12 6.53
CA LEU A 205 12.13 15.71 6.30
C LEU A 205 12.90 15.08 7.45
N VAL A 206 12.42 13.94 7.91
CA VAL A 206 13.21 13.00 8.71
C VAL A 206 13.32 11.71 7.92
N LEU A 207 14.55 11.32 7.56
CA LEU A 207 14.81 10.03 6.91
C LEU A 207 15.48 9.11 7.92
N CYS A 208 14.94 7.90 8.10
CA CYS A 208 15.59 6.97 9.00
C CYS A 208 15.66 5.58 8.37
N GLY A 209 16.56 4.77 8.90
CA GLY A 209 16.54 3.35 8.58
C GLY A 209 17.94 2.85 8.27
N ASN A 210 17.98 1.69 7.58
CA ASN A 210 19.24 1.04 7.24
C ASN A 210 19.66 1.61 5.88
N LEU A 211 20.53 2.60 5.94
CA LEU A 211 20.92 3.25 4.68
C LEU A 211 22.08 2.50 4.04
N ASN A 212 22.58 1.47 4.73
CA ASN A 212 23.48 0.47 4.19
C ASN A 212 24.75 1.09 3.58
N VAL A 213 25.31 2.08 4.28
CA VAL A 213 26.66 2.57 4.04
C VAL A 213 27.19 3.13 5.33
N ALA A 214 28.46 2.91 5.59
CA ALA A 214 29.15 3.58 6.69
C ALA A 214 29.82 4.79 6.06
N HIS A 215 29.39 5.99 6.42
CA HIS A 215 29.73 7.18 5.64
C HIS A 215 31.24 7.43 5.62
N GLU A 216 31.85 7.41 6.81
CA GLU A 216 33.27 7.79 6.90
C GLU A 216 34.01 6.71 7.66
N GLU A 217 35.34 6.84 7.73
CA GLU A 217 36.10 5.80 8.40
C GLU A 217 35.67 5.62 9.86
N ILE A 218 35.25 6.70 10.51
CA ILE A 218 34.85 6.59 11.91
C ILE A 218 33.60 5.72 12.05
N ASP A 219 32.86 5.52 10.97
CA ASP A 219 31.59 4.77 11.00
C ASP A 219 31.75 3.27 10.89
N LEU A 220 32.99 2.74 10.86
CA LEU A 220 33.08 1.27 10.97
C LEU A 220 34.42 0.89 11.59
N ARG A 221 34.46 -0.34 12.14
CA ARG A 221 35.64 -0.75 12.88
C ARG A 221 36.85 -0.96 11.95
N ASN A 222 36.66 -1.52 10.76
CA ASN A 222 37.76 -1.91 9.87
C ASN A 222 37.64 -1.17 8.55
N PRO A 223 37.84 0.17 8.52
CA PRO A 223 37.71 0.88 7.23
C PRO A 223 38.68 0.38 6.17
N LYS A 224 39.95 0.12 6.52
CA LYS A 224 40.94 -0.20 5.48
C LYS A 224 40.62 -1.53 4.81
N GLY A 225 40.24 -2.53 5.57
CA GLY A 225 39.91 -3.79 4.93
C GLY A 225 38.60 -3.86 4.20
N ASN A 226 37.71 -2.87 4.35
CA ASN A 226 36.36 -2.97 3.78
C ASN A 226 36.12 -2.01 2.62
N LYS A 227 37.16 -1.36 2.12
CA LYS A 227 36.98 -0.33 1.08
C LYS A 227 36.54 -0.90 -0.25
N LYS A 228 36.67 -2.20 -0.46
CA LYS A 228 36.12 -2.86 -1.62
C LYS A 228 34.94 -3.73 -1.24
N ASN A 229 34.37 -3.54 -0.04
CA ASN A 229 33.20 -4.30 0.35
C ASN A 229 31.93 -3.46 0.35
N ALA A 230 30.79 -4.12 0.09
CA ALA A 230 29.49 -3.45 0.13
C ALA A 230 29.35 -2.67 1.42
N GLY A 231 28.86 -1.41 1.31
CA GLY A 231 28.66 -0.59 2.47
C GLY A 231 29.82 0.34 2.78
N PHE A 232 30.99 0.13 2.16
CA PHE A 232 32.06 1.11 2.39
C PHE A 232 32.84 1.37 1.10
N THR A 233 32.23 1.18 -0.07
CA THR A 233 32.91 1.58 -1.30
C THR A 233 32.95 3.09 -1.41
N PRO A 234 33.91 3.63 -2.16
CA PRO A 234 33.86 5.08 -2.46
C PRO A 234 32.55 5.51 -3.09
N GLN A 235 31.97 4.65 -3.94
CA GLN A 235 30.73 5.00 -4.62
C GLN A 235 29.59 5.19 -3.62
N GLU A 236 29.46 4.27 -2.67
CA GLU A 236 28.39 4.40 -1.72
C GLU A 236 28.64 5.56 -0.80
N ARG A 237 29.89 5.76 -0.37
CA ARG A 237 30.16 6.87 0.56
C ARG A 237 29.87 8.20 -0.12
N GLN A 238 30.18 8.29 -1.42
CA GLN A 238 29.92 9.50 -2.19
C GLN A 238 28.44 9.73 -2.31
N GLY A 239 27.66 8.64 -2.54
CA GLY A 239 26.22 8.77 -2.63
C GLY A 239 25.62 9.32 -1.34
N PHE A 240 26.12 8.89 -0.19
CA PHE A 240 25.63 9.41 1.08
C PHE A 240 25.99 10.89 1.21
N GLY A 241 27.26 11.25 0.95
CA GLY A 241 27.62 12.66 0.92
C GLY A 241 26.76 13.51 0.02
N GLU A 242 26.41 12.99 -1.17
CA GLU A 242 25.55 13.76 -2.07
C GLU A 242 24.12 13.84 -1.56
N LEU A 243 23.63 12.80 -0.90
CA LEU A 243 22.33 12.87 -0.23
C LEU A 243 22.29 14.01 0.77
N LEU A 244 23.30 14.08 1.65
CA LEU A 244 23.34 15.15 2.63
C LEU A 244 23.37 16.52 1.97
N GLN A 245 24.13 16.65 0.87
CA GLN A 245 24.32 17.97 0.27
C GLN A 245 23.12 18.35 -0.60
N ALA A 246 22.55 17.39 -1.32
CA ALA A 246 21.56 17.75 -2.32
C ALA A 246 20.17 17.97 -1.75
N VAL A 247 19.78 17.29 -0.68
CA VAL A 247 18.40 17.39 -0.22
C VAL A 247 18.04 18.76 0.39
N PRO A 248 18.81 19.31 1.36
CA PRO A 248 19.95 18.84 2.15
C PRO A 248 19.50 18.17 3.44
N LEU A 249 20.34 17.31 4.02
CA LEU A 249 20.06 16.62 5.28
C LEU A 249 21.31 16.66 6.14
N ALA A 250 21.13 16.56 7.45
CA ALA A 250 22.21 16.45 8.41
C ALA A 250 22.16 15.08 9.07
N ASP A 251 23.32 14.51 9.38
CA ASP A 251 23.39 13.21 10.07
C ASP A 251 23.22 13.51 11.57
N SER A 252 22.04 13.21 12.15
CA SER A 252 21.75 13.67 13.51
C SER A 252 22.78 13.19 14.51
N PHE A 253 23.10 11.89 14.48
CA PHE A 253 24.07 11.39 15.46
C PHE A 253 25.45 12.07 15.28
N ARG A 254 25.97 12.13 14.05
CA ARG A 254 27.33 12.68 13.90
C ARG A 254 27.33 14.17 14.16
N HIS A 255 26.22 14.87 13.85
CA HIS A 255 26.09 16.26 14.21
C HIS A 255 26.30 16.48 15.72
N LEU A 256 25.71 15.61 16.53
CA LEU A 256 25.81 15.75 17.99
C LEU A 256 27.13 15.19 18.52
N TYR A 257 27.68 14.18 17.86
CA TYR A 257 28.84 13.45 18.37
C TYR A 257 29.86 13.36 17.25
N PRO A 258 30.42 14.50 16.82
CA PRO A 258 31.22 14.53 15.59
C PRO A 258 32.50 13.72 15.67
N ASN A 259 33.03 13.46 16.85
CA ASN A 259 34.33 12.81 16.96
C ASN A 259 34.28 11.48 17.72
N THR A 260 33.08 10.90 17.92
CA THR A 260 32.95 9.73 18.76
C THR A 260 33.15 8.47 17.93
N PRO A 261 34.19 7.69 18.18
CA PRO A 261 34.39 6.44 17.43
C PRO A 261 33.67 5.25 18.09
N TYR A 262 33.77 4.11 17.40
CA TYR A 262 33.26 2.81 17.86
C TYR A 262 31.75 2.79 18.09
N ALA A 263 31.00 3.75 17.54
CA ALA A 263 29.54 3.78 17.64
C ALA A 263 28.98 3.11 16.40
N TYR A 264 28.50 1.88 16.55
CA TYR A 264 28.01 1.07 15.42
C TYR A 264 26.57 0.63 15.65
N THR A 265 25.89 0.28 14.56
CA THR A 265 24.50 -0.19 14.65
C THR A 265 24.31 -1.57 14.06
N PHE A 266 25.33 -2.17 13.47
CA PHE A 266 25.31 -3.47 12.82
C PHE A 266 26.59 -4.23 13.13
N TRP A 267 26.49 -5.53 13.34
CA TRP A 267 27.64 -6.42 13.54
C TRP A 267 27.28 -7.73 12.87
N THR A 268 28.20 -8.28 12.04
CA THR A 268 27.87 -9.55 11.41
C THR A 268 27.62 -10.61 12.47
N TYR A 269 26.68 -11.51 12.19
CA TYR A 269 26.47 -12.61 13.11
C TYR A 269 27.67 -13.54 13.21
N MET A 270 28.52 -13.54 12.21
CA MET A 270 29.66 -14.46 12.20
C MET A 270 30.83 -13.93 13.03
N MET A 271 31.64 -14.87 13.52
CA MET A 271 32.93 -14.54 14.10
C MET A 271 32.80 -13.74 15.40
N ASN A 272 31.68 -13.91 16.12
CA ASN A 272 31.45 -13.21 17.37
C ASN A 272 31.69 -11.70 17.25
N ALA A 273 31.35 -11.12 16.10
CA ALA A 273 31.73 -9.71 15.92
C ALA A 273 31.04 -8.80 16.95
N ARG A 274 29.79 -9.06 17.34
CA ARG A 274 29.15 -8.13 18.27
C ARG A 274 29.85 -8.12 19.63
N SER A 275 30.26 -9.29 20.12
CA SER A 275 30.91 -9.33 21.43
C SER A 275 32.21 -8.55 21.41
N LYS A 276 32.79 -8.36 20.25
CA LYS A 276 34.02 -7.62 20.08
C LYS A 276 33.77 -6.17 19.66
N ASN A 277 32.50 -5.79 19.47
CA ASN A 277 32.12 -4.49 18.90
C ASN A 277 32.87 -4.21 17.60
N VAL A 278 33.08 -5.24 16.79
CA VAL A 278 33.56 -5.03 15.41
C VAL A 278 32.33 -4.81 14.56
N GLY A 279 31.97 -3.56 14.34
CA GLY A 279 30.68 -3.23 13.76
C GLY A 279 30.75 -2.13 12.71
N TRP A 280 29.58 -1.77 12.18
CA TRP A 280 29.38 -0.70 11.23
C TRP A 280 28.20 0.17 11.66
N ARG A 281 28.28 1.48 11.37
CA ARG A 281 27.12 2.34 11.60
C ARG A 281 26.39 2.44 10.28
N LEU A 282 25.33 1.65 10.13
CA LEU A 282 24.51 1.59 8.92
C LEU A 282 23.15 2.25 9.08
N ASP A 283 22.74 2.55 10.28
CA ASP A 283 21.38 2.99 10.58
C ASP A 283 21.45 4.42 11.06
N TYR A 284 20.62 5.30 10.47
CA TYR A 284 20.77 6.74 10.69
C TYR A 284 19.42 7.37 10.92
N PHE A 285 19.45 8.57 11.52
CA PHE A 285 18.38 9.56 11.41
C PHE A 285 18.97 10.77 10.71
N LEU A 286 18.54 11.04 9.47
CA LEU A 286 18.95 12.25 8.76
C LEU A 286 17.80 13.26 8.79
N LEU A 287 18.12 14.55 9.04
CA LEU A 287 17.10 15.58 9.27
C LEU A 287 17.33 16.78 8.38
N SER A 288 16.23 17.40 7.91
CA SER A 288 16.35 18.72 7.30
C SER A 288 17.09 19.68 8.23
N HIS A 289 17.87 20.62 7.67
CA HIS A 289 18.60 21.58 8.52
C HIS A 289 17.63 22.34 9.41
N SER A 290 16.42 22.64 8.92
CA SER A 290 15.47 23.40 9.72
C SER A 290 14.96 22.64 10.92
N LEU A 291 15.14 21.31 10.98
CA LEU A 291 14.79 20.56 12.17
C LEU A 291 15.92 20.50 13.21
N LEU A 292 17.12 20.97 12.87
CA LEU A 292 18.20 20.89 13.85
C LEU A 292 17.92 21.63 15.16
N PRO A 293 17.22 22.77 15.17
CA PRO A 293 16.86 23.36 16.47
C PRO A 293 15.88 22.50 17.25
N ALA A 294 15.19 21.55 16.61
CA ALA A 294 14.32 20.65 17.37
C ALA A 294 15.07 19.40 17.85
N LEU A 295 16.31 19.22 17.41
CA LEU A 295 17.05 17.99 17.74
C LEU A 295 17.47 17.97 19.21
N CYS A 296 17.02 16.97 19.98
CA CYS A 296 17.45 16.79 21.35
C CYS A 296 18.56 15.76 21.46
N ASP A 297 18.36 14.59 20.84
CA ASP A 297 19.39 13.56 20.90
C ASP A 297 19.12 12.51 19.83
N SER A 298 20.18 11.77 19.51
CA SER A 298 20.15 10.68 18.55
C SER A 298 20.93 9.55 19.18
N LYS A 299 20.26 8.43 19.46
CA LYS A 299 20.77 7.37 20.32
C LYS A 299 21.08 6.09 19.54
N ILE A 300 22.05 5.33 20.03
CA ILE A 300 22.34 4.00 19.49
C ILE A 300 22.10 3.03 20.64
N ARG A 301 21.11 2.13 20.49
CA ARG A 301 20.68 1.26 21.60
C ARG A 301 21.43 -0.07 21.52
N SER A 302 22.75 0.02 21.84
CA SER A 302 23.70 -1.06 21.57
C SER A 302 23.30 -2.35 22.27
N LYS A 303 22.61 -2.28 23.39
CA LYS A 303 22.38 -3.45 24.24
C LYS A 303 21.15 -4.23 23.83
N ALA A 304 20.31 -3.67 22.94
CA ALA A 304 19.05 -4.33 22.56
C ALA A 304 19.32 -5.45 21.55
N LEU A 305 19.02 -6.71 21.92
CA LEU A 305 19.36 -7.86 21.08
C LEU A 305 18.18 -8.24 20.21
N GLY A 306 18.33 -9.26 19.38
CA GLY A 306 17.23 -9.77 18.57
C GLY A 306 17.44 -9.65 17.07
N SER A 307 18.50 -8.97 16.63
CA SER A 307 18.83 -8.80 15.22
C SER A 307 20.36 -8.68 15.11
N ASP A 308 20.87 -8.60 13.88
CA ASP A 308 22.25 -8.19 13.71
C ASP A 308 22.40 -6.66 13.65
N HIS A 309 21.30 -5.91 13.64
CA HIS A 309 21.34 -4.46 13.90
C HIS A 309 20.73 -4.19 15.26
N CYS A 310 21.12 -3.05 15.86
CA CYS A 310 20.47 -2.61 17.09
C CYS A 310 19.53 -1.46 16.75
N PRO A 311 18.58 -1.12 17.64
CA PRO A 311 17.72 0.06 17.43
C PRO A 311 18.52 1.35 17.47
N ILE A 312 18.00 2.38 16.81
CA ILE A 312 18.42 3.75 17.03
C ILE A 312 17.18 4.56 17.39
N THR A 313 17.38 5.64 18.15
CA THR A 313 16.23 6.41 18.61
C THR A 313 16.45 7.90 18.50
N LEU A 314 15.43 8.60 18.05
CA LEU A 314 15.52 10.05 17.88
C LEU A 314 14.57 10.77 18.85
N TYR A 315 15.07 11.83 19.48
CA TYR A 315 14.25 12.70 20.33
C TYR A 315 14.17 14.07 19.67
N LEU A 316 12.97 14.52 19.38
CA LEU A 316 12.72 15.82 18.77
C LEU A 316 11.78 16.64 19.67
N ALA A 317 12.02 17.97 19.74
CA ALA A 317 11.12 18.91 20.44
C ALA A 317 10.26 19.62 19.40
N LEU A 318 9.05 19.12 19.16
CA LEU A 318 8.22 19.75 18.15
C LEU A 318 7.08 20.57 18.76
N ALA B 43 -40.41 1.05 -10.24
CA ALA B 43 -40.55 1.37 -8.82
C ALA B 43 -39.21 1.81 -8.20
N LEU B 44 -39.24 2.44 -7.01
CA LEU B 44 -38.02 2.78 -6.29
C LEU B 44 -37.48 1.56 -5.55
N TYR B 45 -36.24 1.67 -5.06
CA TYR B 45 -35.54 0.52 -4.47
C TYR B 45 -34.91 0.92 -3.16
N GLU B 46 -35.07 0.08 -2.14
CA GLU B 46 -34.40 0.28 -0.86
C GLU B 46 -33.53 -0.95 -0.56
N ASP B 47 -32.22 -0.78 -0.67
CA ASP B 47 -31.31 -1.90 -0.44
C ASP B 47 -31.47 -2.38 1.00
N PRO B 48 -31.51 -3.67 1.26
CA PRO B 48 -31.74 -4.14 2.62
C PRO B 48 -30.58 -3.84 3.54
N PRO B 49 -30.79 -3.86 4.86
CA PRO B 49 -29.68 -3.63 5.80
C PRO B 49 -28.51 -4.59 5.57
N ASP B 50 -27.32 -4.10 5.91
CA ASP B 50 -26.12 -4.90 5.77
C ASP B 50 -26.21 -6.13 6.66
N GLN B 51 -25.99 -7.30 6.07
CA GLN B 51 -25.85 -8.53 6.80
C GLN B 51 -24.37 -8.81 6.94
N LYS B 52 -23.85 -8.78 8.17
CA LYS B 52 -22.41 -8.87 8.37
C LYS B 52 -21.98 -10.18 9.02
N THR B 53 -22.82 -11.19 8.99
CA THR B 53 -22.41 -12.52 9.43
C THR B 53 -22.80 -13.49 8.34
N SER B 54 -21.99 -14.53 8.19
CA SER B 54 -22.11 -15.50 7.13
C SER B 54 -23.22 -16.48 7.47
N PRO B 55 -23.62 -17.31 6.53
CA PRO B 55 -24.72 -18.27 6.84
C PRO B 55 -24.38 -19.20 7.99
N SER B 56 -23.10 -19.58 8.14
CA SER B 56 -22.69 -20.35 9.31
C SER B 56 -22.38 -19.47 10.52
N GLY B 57 -22.75 -18.21 10.52
CA GLY B 57 -22.57 -17.35 11.66
C GLY B 57 -21.21 -16.70 11.84
N LYS B 58 -20.31 -16.79 10.85
CA LYS B 58 -18.98 -16.18 11.08
C LYS B 58 -19.01 -14.69 10.72
N PRO B 59 -18.36 -13.84 11.51
CA PRO B 59 -18.46 -12.40 11.23
C PRO B 59 -17.64 -12.00 10.00
N ALA B 60 -18.17 -11.05 9.24
CA ALA B 60 -17.43 -10.50 8.11
C ALA B 60 -16.10 -9.94 8.62
N THR B 61 -15.04 -10.18 7.87
CA THR B 61 -13.71 -9.63 8.15
C THR B 61 -13.13 -8.83 7.00
N LEU B 62 -13.79 -8.78 5.85
CA LEU B 62 -13.29 -8.09 4.68
C LEU B 62 -14.46 -7.35 4.08
N LYS B 63 -14.26 -6.07 3.78
CA LYS B 63 -15.25 -5.23 3.16
C LYS B 63 -14.61 -4.61 1.91
N ILE B 64 -15.17 -4.93 0.74
CA ILE B 64 -14.69 -4.42 -0.55
C ILE B 64 -15.74 -3.52 -1.17
N CYS B 65 -15.31 -2.34 -1.64
CA CYS B 65 -16.22 -1.41 -2.26
C CYS B 65 -15.74 -1.20 -3.68
N SER B 66 -16.66 -1.26 -4.66
CA SER B 66 -16.32 -1.05 -6.07
C SER B 66 -17.18 0.11 -6.57
N TRP B 67 -16.56 1.09 -7.26
CA TRP B 67 -17.31 2.26 -7.71
C TRP B 67 -16.84 2.72 -9.09
N ASN B 68 -17.73 2.74 -10.08
CA ASN B 68 -17.40 3.29 -11.38
C ASN B 68 -17.62 4.79 -11.25
N VAL B 69 -16.53 5.54 -11.05
CA VAL B 69 -16.68 6.95 -10.66
C VAL B 69 -16.98 7.84 -11.85
N ASP B 70 -16.68 7.40 -13.07
CA ASP B 70 -16.99 8.13 -14.30
C ASP B 70 -16.44 9.54 -14.22
N GLY B 71 -15.12 9.62 -14.11
CA GLY B 71 -14.42 10.89 -13.98
C GLY B 71 -13.96 11.06 -12.56
N LEU B 72 -12.74 10.57 -12.30
CA LEU B 72 -12.24 10.51 -10.94
C LEU B 72 -12.12 11.90 -10.32
N ARG B 73 -11.60 12.85 -11.07
CA ARG B 73 -11.44 14.22 -10.56
C ARG B 73 -12.79 14.83 -10.21
N ALA B 74 -13.78 14.70 -11.12
CA ALA B 74 -15.11 15.24 -10.82
C ALA B 74 -15.72 14.57 -9.60
N TRP B 75 -15.57 13.24 -9.54
CA TRP B 75 -16.12 12.49 -8.42
C TRP B 75 -15.55 12.98 -7.09
N ILE B 76 -14.24 13.24 -7.06
CA ILE B 76 -13.65 13.78 -5.84
C ILE B 76 -14.21 15.17 -5.54
N LYS B 77 -14.41 16.00 -6.56
CA LYS B 77 -15.03 17.31 -6.31
C LYS B 77 -16.47 17.17 -5.82
N LYS B 78 -17.18 16.11 -6.21
CA LYS B 78 -18.53 15.88 -5.72
C LYS B 78 -18.53 15.06 -4.44
N LYS B 79 -17.42 15.01 -3.71
CA LYS B 79 -17.32 14.47 -2.36
C LYS B 79 -17.29 12.94 -2.28
N GLY B 80 -16.84 12.27 -3.34
CA GLY B 80 -16.79 10.81 -3.33
C GLY B 80 -15.90 10.27 -2.24
N LEU B 81 -14.76 10.93 -2.00
CA LEU B 81 -13.86 10.42 -0.97
C LEU B 81 -14.45 10.57 0.41
N ASP B 82 -15.23 11.61 0.65
CA ASP B 82 -15.92 11.67 1.94
C ASP B 82 -16.84 10.47 2.10
N TRP B 83 -17.55 10.08 1.04
CA TRP B 83 -18.41 8.92 1.20
C TRP B 83 -17.56 7.68 1.47
N VAL B 84 -16.44 7.54 0.75
CA VAL B 84 -15.54 6.39 0.95
C VAL B 84 -14.99 6.34 2.36
N LYS B 85 -14.56 7.49 2.91
CA LYS B 85 -14.06 7.50 4.28
C LYS B 85 -15.11 6.97 5.25
N GLU B 86 -16.37 7.29 5.00
CA GLU B 86 -17.41 6.82 5.91
C GLU B 86 -17.71 5.34 5.70
N GLU B 87 -17.67 4.90 4.45
CA GLU B 87 -17.91 3.49 4.17
C GLU B 87 -16.79 2.64 4.75
N ALA B 88 -15.57 3.19 4.81
CA ALA B 88 -14.41 2.56 5.41
C ALA B 88 -14.16 1.13 4.93
N PRO B 89 -14.07 0.92 3.61
CA PRO B 89 -13.78 -0.44 3.11
C PRO B 89 -12.32 -0.76 3.34
N ASP B 90 -12.03 -2.07 3.42
CA ASP B 90 -10.65 -2.56 3.38
C ASP B 90 -10.02 -2.42 2.00
N ILE B 91 -10.81 -2.53 0.95
CA ILE B 91 -10.33 -2.40 -0.42
C ILE B 91 -11.38 -1.61 -1.21
N LEU B 92 -10.89 -0.72 -2.06
CA LEU B 92 -11.69 0.17 -2.89
C LEU B 92 -11.24 -0.03 -4.32
N CYS B 93 -12.16 -0.41 -5.20
CA CYS B 93 -11.85 -0.56 -6.62
C CYS B 93 -12.60 0.54 -7.37
N LEU B 94 -11.92 1.21 -8.29
CA LEU B 94 -12.53 2.32 -9.00
C LEU B 94 -12.42 2.08 -10.50
N GLN B 95 -13.46 2.44 -11.24
CA GLN B 95 -13.42 2.23 -12.69
C GLN B 95 -13.85 3.50 -13.42
N GLN B 96 -13.42 3.60 -14.67
CA GLN B 96 -13.66 4.77 -15.53
C GLN B 96 -13.13 6.05 -14.86
N THR B 97 -11.87 5.98 -14.46
CA THR B 97 -11.30 7.12 -13.76
C THR B 97 -11.09 8.30 -14.69
N LYS B 98 -10.85 8.04 -15.98
CA LYS B 98 -10.65 9.11 -16.96
C LYS B 98 -9.59 10.11 -16.48
N CYS B 99 -8.47 9.58 -16.02
CA CYS B 99 -7.47 10.45 -15.39
C CYS B 99 -6.09 9.83 -15.58
N SER B 100 -5.18 10.55 -16.23
CA SER B 100 -3.80 10.07 -16.29
C SER B 100 -3.19 10.07 -14.89
N GLU B 101 -2.13 9.26 -14.73
CA GLU B 101 -1.47 9.15 -13.43
C GLU B 101 -0.86 10.48 -12.98
N ASN B 102 -0.30 11.27 -13.92
CA ASN B 102 0.23 12.61 -13.59
C ASN B 102 -0.81 13.50 -12.95
N LYS B 103 -2.09 13.26 -13.25
CA LYS B 103 -3.16 14.14 -12.86
C LYS B 103 -3.98 13.61 -11.69
N LEU B 104 -3.52 12.57 -11.04
CA LEU B 104 -4.29 12.03 -9.92
C LEU B 104 -4.32 13.06 -8.79
N PRO B 105 -5.49 13.41 -8.28
CA PRO B 105 -5.58 14.48 -7.30
C PRO B 105 -4.92 14.12 -5.97
N ALA B 106 -4.47 15.17 -5.27
CA ALA B 106 -3.73 14.96 -4.04
C ALA B 106 -4.60 14.50 -2.89
N GLU B 107 -5.91 14.75 -2.95
CA GLU B 107 -6.80 14.21 -1.92
C GLU B 107 -6.57 12.70 -1.75
N LEU B 108 -6.18 11.99 -2.82
CA LEU B 108 -6.09 10.54 -2.71
C LEU B 108 -4.98 10.16 -1.76
N GLN B 109 -3.98 11.02 -1.62
CA GLN B 109 -2.88 10.75 -0.71
C GLN B 109 -3.37 10.80 0.75
N GLU B 110 -4.55 11.39 1.01
CA GLU B 110 -5.07 11.57 2.38
C GLU B 110 -6.03 10.48 2.79
N LEU B 111 -5.72 9.27 2.35
CA LEU B 111 -6.48 8.09 2.73
C LEU B 111 -5.46 7.08 3.27
N PRO B 112 -4.90 7.34 4.45
CA PRO B 112 -3.98 6.35 5.01
C PRO B 112 -4.64 5.00 5.30
N GLY B 113 -5.99 4.92 5.38
CA GLY B 113 -6.66 3.62 5.52
C GLY B 113 -6.77 2.84 4.22
N LEU B 114 -6.41 3.49 3.13
CA LEU B 114 -6.37 2.85 1.81
C LEU B 114 -5.06 3.23 1.13
N SER B 115 -3.96 2.98 1.83
CA SER B 115 -2.72 3.65 1.48
C SER B 115 -1.98 2.96 0.33
N HIS B 116 -2.25 1.67 0.10
CA HIS B 116 -1.64 0.97 -1.03
C HIS B 116 -2.50 1.21 -2.28
N GLN B 117 -1.96 1.96 -3.24
CA GLN B 117 -2.75 2.45 -4.37
C GLN B 117 -2.08 2.10 -5.69
N TYR B 118 -2.83 1.44 -6.57
CA TYR B 118 -2.36 0.92 -7.84
C TYR B 118 -3.32 1.43 -8.91
N TRP B 119 -2.78 1.91 -10.02
CA TRP B 119 -3.58 2.54 -11.06
C TRP B 119 -3.16 2.02 -12.42
N SER B 120 -4.14 1.98 -13.33
CA SER B 120 -3.91 1.57 -14.70
C SER B 120 -4.61 2.57 -15.61
N ALA B 121 -3.86 3.15 -16.53
CA ALA B 121 -4.35 4.12 -17.48
C ALA B 121 -4.20 3.63 -18.92
N PRO B 122 -4.93 4.24 -19.86
CA PRO B 122 -4.98 3.71 -21.24
C PRO B 122 -3.71 3.91 -22.09
N TYR B 128 -11.00 7.47 -21.95
CA TYR B 128 -12.39 7.15 -21.56
C TYR B 128 -12.48 5.99 -20.59
N SER B 129 -11.29 5.55 -20.16
CA SER B 129 -11.12 4.31 -19.42
C SER B 129 -10.38 4.56 -18.10
N GLY B 130 -9.61 3.59 -17.60
CA GLY B 130 -8.79 3.78 -16.42
C GLY B 130 -9.45 3.19 -15.16
N VAL B 131 -8.65 2.49 -14.34
CA VAL B 131 -9.12 1.80 -13.14
C VAL B 131 -8.09 2.04 -12.03
N GLY B 132 -8.55 1.84 -10.79
CA GLY B 132 -7.65 1.89 -9.66
C GLY B 132 -8.05 0.85 -8.63
N LEU B 133 -7.10 0.52 -7.78
CA LEU B 133 -7.28 -0.41 -6.70
C LEU B 133 -6.51 0.14 -5.51
N LEU B 134 -7.22 0.38 -4.41
CA LEU B 134 -6.64 0.92 -3.20
C LEU B 134 -6.94 -0.05 -2.08
N SER B 135 -5.96 -0.30 -1.23
CA SER B 135 -6.06 -1.40 -0.29
C SER B 135 -5.43 -0.97 1.04
N ARG B 136 -6.13 -1.35 2.13
CA ARG B 136 -5.62 -1.13 3.48
C ARG B 136 -4.36 -1.96 3.73
N GLN B 137 -4.40 -3.25 3.38
CA GLN B 137 -3.24 -4.11 3.58
C GLN B 137 -2.40 -4.15 2.30
N CYS B 138 -1.10 -4.45 2.46
CA CYS B 138 -0.23 -4.58 1.28
C CYS B 138 -0.58 -5.84 0.50
N PRO B 139 -0.94 -5.75 -0.78
CA PRO B 139 -1.20 -6.96 -1.56
C PRO B 139 0.08 -7.76 -1.73
N LEU B 140 -0.08 -9.08 -1.93
CA LEU B 140 1.09 -9.91 -2.21
C LEU B 140 1.70 -9.57 -3.55
N LYS B 141 0.87 -9.25 -4.55
CA LYS B 141 1.34 -8.93 -5.89
C LYS B 141 0.22 -8.23 -6.65
N VAL B 142 0.58 -7.25 -7.48
CA VAL B 142 -0.42 -6.62 -8.34
C VAL B 142 0.07 -6.70 -9.77
N SER B 143 -0.83 -6.98 -10.70
CA SER B 143 -0.46 -7.02 -12.09
C SER B 143 -1.60 -6.36 -12.87
N TYR B 144 -1.37 -6.11 -14.16
CA TYR B 144 -2.17 -5.20 -14.98
C TYR B 144 -2.52 -5.84 -16.32
N GLY B 145 -3.73 -5.54 -16.82
CA GLY B 145 -4.18 -6.09 -18.09
C GLY B 145 -4.56 -7.57 -18.01
N ILE B 146 -4.83 -8.15 -19.18
CA ILE B 146 -5.31 -9.52 -19.25
C ILE B 146 -4.43 -10.41 -20.13
N GLY B 147 -3.14 -10.09 -20.21
CA GLY B 147 -2.17 -10.86 -20.98
C GLY B 147 -2.01 -10.42 -22.43
N ASP B 148 -3.04 -9.83 -23.01
CA ASP B 148 -3.05 -9.41 -24.40
C ASP B 148 -2.41 -8.03 -24.65
N GLU B 154 -5.47 -1.24 -22.45
CA GLU B 154 -6.36 -0.08 -22.45
C GLU B 154 -6.72 0.46 -21.05
N GLY B 155 -5.93 0.13 -20.01
CA GLY B 155 -6.23 0.60 -18.65
C GLY B 155 -7.57 0.09 -18.11
N ARG B 156 -7.88 -1.17 -18.33
CA ARG B 156 -9.19 -1.71 -17.93
C ARG B 156 -9.16 -2.70 -16.77
N VAL B 157 -8.01 -3.33 -16.45
CA VAL B 157 -7.99 -4.45 -15.51
C VAL B 157 -6.79 -4.34 -14.58
N ILE B 158 -7.04 -4.47 -13.29
CA ILE B 158 -6.00 -4.68 -12.27
C ILE B 158 -6.30 -5.97 -11.55
N VAL B 159 -5.23 -6.72 -11.24
CA VAL B 159 -5.31 -8.01 -10.54
C VAL B 159 -4.45 -7.91 -9.27
N ALA B 160 -5.06 -8.12 -8.11
CA ALA B 160 -4.31 -8.01 -6.86
C ALA B 160 -4.47 -9.33 -6.14
N GLU B 161 -3.34 -9.96 -5.83
CA GLU B 161 -3.34 -11.22 -5.10
C GLU B 161 -3.24 -10.94 -3.60
N PHE B 162 -4.16 -11.55 -2.86
CA PHE B 162 -4.21 -11.52 -1.40
C PHE B 162 -4.01 -12.93 -0.85
N ASP B 163 -3.98 -12.99 0.49
CA ASP B 163 -3.74 -14.23 1.21
C ASP B 163 -4.66 -15.34 0.73
N SER B 164 -5.96 -15.10 0.77
CA SER B 164 -6.96 -16.15 0.55
C SER B 164 -7.69 -16.06 -0.77
N PHE B 165 -7.40 -15.05 -1.60
CA PHE B 165 -8.18 -14.90 -2.82
C PHE B 165 -7.41 -14.00 -3.75
N VAL B 166 -7.82 -13.98 -5.01
CA VAL B 166 -7.35 -13.01 -5.98
C VAL B 166 -8.48 -12.06 -6.33
N LEU B 167 -8.19 -10.77 -6.35
CA LEU B 167 -9.19 -9.77 -6.65
C LEU B 167 -8.92 -9.24 -8.04
N VAL B 168 -9.92 -9.26 -8.90
CA VAL B 168 -9.77 -8.64 -10.20
C VAL B 168 -10.76 -7.49 -10.26
N THR B 169 -10.32 -6.29 -10.65
CA THR B 169 -11.31 -5.27 -10.91
C THR B 169 -11.26 -4.91 -12.40
N ALA B 170 -12.43 -4.63 -12.99
CA ALA B 170 -12.48 -4.44 -14.42
C ALA B 170 -13.46 -3.34 -14.81
N TYR B 171 -13.10 -2.63 -15.86
CA TYR B 171 -13.91 -1.68 -16.58
C TYR B 171 -14.08 -2.30 -17.97
N VAL B 172 -15.16 -3.05 -18.15
CA VAL B 172 -15.38 -3.80 -19.40
C VAL B 172 -15.78 -2.83 -20.50
N PRO B 173 -15.25 -2.95 -21.71
CA PRO B 173 -15.56 -1.98 -22.76
C PRO B 173 -17.04 -1.93 -23.08
N ASN B 174 -17.57 -0.70 -23.19
CA ASN B 174 -18.95 -0.54 -23.61
C ASN B 174 -19.09 -0.82 -25.12
N ALA B 175 -20.20 -1.45 -25.51
CA ALA B 175 -20.37 -1.74 -26.93
C ALA B 175 -20.72 -0.49 -27.74
N GLY B 176 -21.20 0.52 -27.11
CA GLY B 176 -21.22 1.82 -27.75
C GLY B 176 -22.59 2.15 -28.30
N ARG B 177 -22.89 3.45 -28.39
CA ARG B 177 -24.10 3.86 -29.07
C ARG B 177 -24.03 3.35 -30.51
N GLY B 178 -25.15 2.82 -30.99
CA GLY B 178 -25.13 2.21 -32.32
C GLY B 178 -24.39 0.90 -32.41
N LEU B 179 -24.00 0.32 -31.29
CA LEU B 179 -23.28 -0.96 -31.25
C LEU B 179 -21.96 -0.89 -32.04
N VAL B 180 -21.39 0.30 -32.15
CA VAL B 180 -20.25 0.49 -33.04
C VAL B 180 -19.02 -0.26 -32.54
N ARG B 181 -18.93 -0.56 -31.25
CA ARG B 181 -17.83 -1.36 -30.71
C ARG B 181 -18.27 -2.73 -30.19
N LEU B 182 -19.35 -3.29 -30.73
CA LEU B 182 -19.79 -4.59 -30.23
C LEU B 182 -18.80 -5.68 -30.60
N GLU B 183 -18.21 -5.59 -31.78
CA GLU B 183 -17.28 -6.66 -32.14
C GLU B 183 -16.08 -6.62 -31.22
N TYR B 184 -15.57 -5.42 -30.92
CA TYR B 184 -14.46 -5.31 -29.98
C TYR B 184 -14.85 -5.89 -28.62
N ARG B 185 -16.05 -5.58 -28.17
CA ARG B 185 -16.49 -6.07 -26.86
C ARG B 185 -16.57 -7.59 -26.84
N GLN B 186 -17.01 -8.20 -27.97
CA GLN B 186 -17.12 -9.65 -28.00
C GLN B 186 -15.75 -10.30 -27.91
N ARG B 187 -14.79 -9.76 -28.67
CA ARG B 187 -13.41 -10.25 -28.58
C ARG B 187 -12.85 -10.05 -27.18
N TRP B 188 -13.08 -8.87 -26.59
CA TRP B 188 -12.62 -8.63 -25.22
C TRP B 188 -13.21 -9.65 -24.25
N ASP B 189 -14.52 -9.94 -24.38
CA ASP B 189 -15.18 -10.87 -23.48
C ASP B 189 -14.51 -12.25 -23.58
N GLU B 190 -14.27 -12.71 -24.80
CA GLU B 190 -13.66 -14.03 -24.93
C GLU B 190 -12.25 -14.05 -24.34
N ALA B 191 -11.43 -13.02 -24.64
CA ALA B 191 -10.08 -12.98 -24.09
C ALA B 191 -10.09 -12.89 -22.57
N PHE B 192 -11.04 -12.14 -22.01
CA PHE B 192 -11.13 -11.98 -20.56
C PHE B 192 -11.54 -13.28 -19.89
N ARG B 193 -12.52 -13.97 -20.45
CA ARG B 193 -12.90 -15.27 -19.91
C ARG B 193 -11.71 -16.23 -19.87
N LYS B 194 -10.99 -16.32 -20.97
CA LYS B 194 -9.82 -17.19 -21.04
C LYS B 194 -8.79 -16.82 -19.98
N PHE B 195 -8.56 -15.50 -19.80
CA PHE B 195 -7.62 -15.03 -18.78
C PHE B 195 -8.09 -15.43 -17.37
N LEU B 196 -9.37 -15.19 -17.04
CA LEU B 196 -9.84 -15.51 -15.70
C LEU B 196 -9.81 -17.01 -15.40
N LYS B 197 -9.89 -17.83 -16.43
CA LYS B 197 -9.83 -19.27 -16.25
C LYS B 197 -8.47 -19.69 -15.72
N GLY B 198 -7.40 -19.21 -16.36
CA GLY B 198 -6.06 -19.38 -15.80
C GLY B 198 -5.87 -18.88 -14.37
N LEU B 199 -6.46 -17.73 -14.04
CA LEU B 199 -6.33 -17.22 -12.66
C LEU B 199 -7.00 -18.15 -11.64
N ALA B 200 -8.30 -18.49 -11.88
CA ALA B 200 -9.13 -19.20 -10.91
C ALA B 200 -8.64 -20.62 -10.69
N SER B 201 -7.82 -21.14 -11.61
CA SER B 201 -7.20 -22.44 -11.42
C SER B 201 -6.16 -22.43 -10.31
N ARG B 202 -5.86 -21.26 -9.71
CA ARG B 202 -4.79 -21.15 -8.72
C ARG B 202 -5.24 -20.72 -7.33
N LYS B 203 -6.27 -19.87 -7.20
CA LYS B 203 -6.75 -19.33 -5.93
C LYS B 203 -8.19 -18.90 -6.16
N PRO B 204 -9.06 -18.86 -5.15
CA PRO B 204 -10.43 -18.36 -5.44
C PRO B 204 -10.40 -16.92 -5.91
N LEU B 205 -11.36 -16.57 -6.76
CA LEU B 205 -11.41 -15.28 -7.40
C LEU B 205 -12.59 -14.44 -6.88
N VAL B 206 -12.35 -13.14 -6.68
CA VAL B 206 -13.39 -12.12 -6.58
C VAL B 206 -13.23 -11.20 -7.78
N LEU B 207 -14.23 -11.09 -8.64
CA LEU B 207 -14.17 -10.14 -9.73
C LEU B 207 -15.17 -9.04 -9.47
N CYS B 208 -14.73 -7.80 -9.53
CA CYS B 208 -15.68 -6.71 -9.42
C CYS B 208 -15.46 -5.61 -10.45
N GLY B 209 -16.52 -4.81 -10.64
CA GLY B 209 -16.41 -3.59 -11.39
C GLY B 209 -17.60 -3.42 -12.32
N ASN B 210 -17.39 -2.54 -13.30
CA ASN B 210 -18.42 -2.19 -14.28
C ASN B 210 -18.29 -3.18 -15.42
N LEU B 211 -19.16 -4.20 -15.40
CA LEU B 211 -19.07 -5.23 -16.42
C LEU B 211 -19.91 -4.88 -17.65
N ASN B 212 -20.62 -3.74 -17.61
CA ASN B 212 -21.26 -3.18 -18.81
C ASN B 212 -22.17 -4.19 -19.49
N VAL B 213 -22.94 -4.91 -18.68
CA VAL B 213 -24.02 -5.75 -19.16
C VAL B 213 -24.98 -5.95 -18.02
N ALA B 214 -26.27 -5.91 -18.35
CA ALA B 214 -27.34 -6.37 -17.48
C ALA B 214 -27.64 -7.81 -17.89
N HIS B 215 -27.35 -8.76 -17.03
CA HIS B 215 -27.41 -10.16 -17.42
C HIS B 215 -28.81 -10.58 -17.86
N GLU B 216 -29.83 -10.28 -17.06
CA GLU B 216 -31.16 -10.77 -17.33
C GLU B 216 -32.16 -9.63 -17.30
N GLU B 217 -33.42 -9.92 -17.65
CA GLU B 217 -34.40 -8.85 -17.71
C GLU B 217 -34.57 -8.17 -16.35
N ILE B 218 -34.42 -8.91 -15.26
CA ILE B 218 -34.62 -8.30 -13.95
C ILE B 218 -33.52 -7.27 -13.66
N ASP B 219 -32.45 -7.26 -14.46
CA ASP B 219 -31.30 -6.39 -14.17
C ASP B 219 -31.41 -5.04 -14.82
N LEU B 220 -32.54 -4.72 -15.45
CA LEU B 220 -32.69 -3.34 -15.94
C LEU B 220 -34.18 -2.99 -16.02
N ARG B 221 -34.47 -1.69 -16.05
CA ARG B 221 -35.85 -1.24 -15.95
C ARG B 221 -36.63 -1.48 -17.24
N ASN B 222 -35.98 -1.32 -18.40
CA ASN B 222 -36.61 -1.42 -19.73
C ASN B 222 -35.98 -2.54 -20.56
N PRO B 223 -36.11 -3.80 -20.15
CA PRO B 223 -35.53 -4.86 -20.99
C PRO B 223 -36.06 -4.85 -22.42
N LYS B 224 -37.35 -4.55 -22.64
CA LYS B 224 -37.91 -4.72 -23.98
C LYS B 224 -37.39 -3.68 -24.95
N GLY B 225 -37.17 -2.45 -24.49
CA GLY B 225 -36.62 -1.47 -25.39
C GLY B 225 -35.12 -1.49 -25.54
N ASN B 226 -34.42 -2.40 -24.88
CA ASN B 226 -32.96 -2.33 -24.91
C ASN B 226 -32.32 -3.58 -25.48
N LYS B 227 -33.09 -4.48 -26.10
CA LYS B 227 -32.52 -5.73 -26.61
C LYS B 227 -31.55 -5.52 -27.77
N LYS B 228 -31.52 -4.35 -28.39
CA LYS B 228 -30.49 -4.09 -29.41
C LYS B 228 -29.61 -2.92 -29.01
N ASN B 229 -29.48 -2.68 -27.71
CA ASN B 229 -28.67 -1.58 -27.20
C ASN B 229 -27.50 -2.14 -26.40
N ALA B 230 -26.39 -1.39 -26.41
CA ALA B 230 -25.22 -1.75 -25.63
C ALA B 230 -25.61 -2.07 -24.19
N GLY B 231 -25.09 -3.19 -23.70
CA GLY B 231 -25.35 -3.65 -22.35
C GLY B 231 -26.49 -4.63 -22.22
N PHE B 232 -27.33 -4.77 -23.25
CA PHE B 232 -28.37 -5.80 -23.16
C PHE B 232 -28.54 -6.57 -24.47
N THR B 233 -27.52 -6.59 -25.32
CA THR B 233 -27.58 -7.38 -26.54
C THR B 233 -27.55 -8.85 -26.19
N PRO B 234 -28.15 -9.71 -27.03
CA PRO B 234 -27.95 -11.16 -26.84
C PRO B 234 -26.50 -11.57 -26.67
N GLN B 235 -25.62 -10.96 -27.48
CA GLN B 235 -24.20 -11.27 -27.44
C GLN B 235 -23.59 -10.94 -26.10
N GLU B 236 -23.82 -9.71 -25.60
CA GLU B 236 -23.27 -9.40 -24.29
C GLU B 236 -23.87 -10.27 -23.22
N ARG B 237 -25.17 -10.51 -23.28
CA ARG B 237 -25.79 -11.34 -22.23
C ARG B 237 -25.19 -12.72 -22.24
N GLN B 238 -24.98 -13.28 -23.42
CA GLN B 238 -24.41 -14.63 -23.55
C GLN B 238 -23.00 -14.66 -22.98
N GLY B 239 -22.24 -13.59 -23.20
CA GLY B 239 -20.87 -13.60 -22.71
C GLY B 239 -20.83 -13.59 -21.19
N PHE B 240 -21.77 -12.88 -20.56
CA PHE B 240 -21.87 -12.90 -19.10
C PHE B 240 -22.21 -14.29 -18.59
N GLY B 241 -23.16 -14.97 -19.24
CA GLY B 241 -23.48 -16.33 -18.85
C GLY B 241 -22.31 -17.28 -19.03
N GLU B 242 -21.55 -17.11 -20.11
CA GLU B 242 -20.38 -17.95 -20.28
C GLU B 242 -19.30 -17.62 -19.25
N LEU B 243 -19.20 -16.36 -18.85
CA LEU B 243 -18.24 -16.02 -17.82
C LEU B 243 -18.56 -16.77 -16.54
N LEU B 244 -19.82 -16.79 -16.15
CA LEU B 244 -20.24 -17.46 -14.92
C LEU B 244 -20.04 -18.95 -15.03
N GLN B 245 -20.36 -19.51 -16.18
CA GLN B 245 -20.28 -20.96 -16.36
C GLN B 245 -18.84 -21.43 -16.47
N ALA B 246 -18.00 -20.67 -17.18
CA ALA B 246 -16.75 -21.25 -17.59
C ALA B 246 -15.62 -21.02 -16.60
N VAL B 247 -15.71 -20.01 -15.75
CA VAL B 247 -14.59 -19.78 -14.86
C VAL B 247 -14.46 -20.80 -13.73
N PRO B 248 -15.53 -21.12 -12.97
CA PRO B 248 -16.89 -20.61 -12.88
C PRO B 248 -17.00 -19.51 -11.84
N LEU B 249 -18.03 -18.68 -11.94
CA LEU B 249 -18.26 -17.66 -10.91
C LEU B 249 -19.75 -17.59 -10.61
N ALA B 250 -20.08 -17.13 -9.39
CA ALA B 250 -21.44 -16.79 -8.98
C ALA B 250 -21.61 -15.26 -8.86
N ASP B 251 -22.79 -14.77 -9.25
CA ASP B 251 -23.20 -13.36 -9.11
C ASP B 251 -23.66 -13.14 -7.67
N SER B 252 -22.82 -12.47 -6.85
CA SER B 252 -23.05 -12.46 -5.41
C SER B 252 -24.39 -11.82 -5.05
N PHE B 253 -24.73 -10.69 -5.70
CA PHE B 253 -26.00 -10.03 -5.38
C PHE B 253 -27.18 -10.93 -5.77
N ARG B 254 -27.14 -11.50 -6.97
CA ARG B 254 -28.28 -12.23 -7.46
C ARG B 254 -28.41 -13.56 -6.71
N HIS B 255 -27.28 -14.12 -6.30
CA HIS B 255 -27.28 -15.30 -5.44
C HIS B 255 -28.07 -15.09 -4.17
N LEU B 256 -27.83 -13.96 -3.50
CA LEU B 256 -28.53 -13.62 -2.25
C LEU B 256 -29.93 -13.09 -2.47
N TYR B 257 -30.18 -12.40 -3.57
CA TYR B 257 -31.46 -11.73 -3.80
C TYR B 257 -32.01 -12.16 -5.16
N PRO B 258 -32.30 -13.46 -5.36
CA PRO B 258 -32.61 -13.96 -6.73
C PRO B 258 -33.88 -13.39 -7.34
N ASN B 259 -34.84 -12.92 -6.53
CA ASN B 259 -36.11 -12.40 -7.03
C ASN B 259 -36.29 -10.91 -6.83
N THR B 260 -35.24 -10.18 -6.47
CA THR B 260 -35.43 -8.78 -6.15
C THR B 260 -35.32 -7.92 -7.41
N PRO B 261 -36.40 -7.27 -7.87
CA PRO B 261 -36.28 -6.41 -9.05
C PRO B 261 -35.96 -4.96 -8.67
N TYR B 262 -35.79 -4.11 -9.67
CA TYR B 262 -35.59 -2.68 -9.52
C TYR B 262 -34.26 -2.35 -8.81
N ALA B 263 -33.34 -3.31 -8.69
CA ALA B 263 -32.04 -3.05 -8.04
C ALA B 263 -31.02 -2.74 -9.11
N TYR B 264 -30.62 -1.46 -9.25
CA TYR B 264 -29.72 -1.02 -10.32
C TYR B 264 -28.50 -0.31 -9.74
N THR B 265 -27.46 -0.15 -10.59
CA THR B 265 -26.23 0.54 -10.19
C THR B 265 -25.84 1.62 -11.18
N PHE B 266 -26.62 1.82 -12.23
CA PHE B 266 -26.32 2.82 -13.23
C PHE B 266 -27.63 3.47 -13.64
N TRP B 267 -27.61 4.77 -13.89
CA TRP B 267 -28.76 5.47 -14.48
C TRP B 267 -28.22 6.57 -15.37
N THR B 268 -28.76 6.70 -16.58
CA THR B 268 -28.34 7.81 -17.43
C THR B 268 -28.56 9.12 -16.71
N TYR B 269 -27.60 10.01 -16.84
CA TYR B 269 -27.77 11.37 -16.34
C TYR B 269 -28.98 12.07 -16.96
N MET B 270 -29.38 11.66 -18.16
CA MET B 270 -30.46 12.33 -18.86
C MET B 270 -31.83 11.88 -18.35
N MET B 271 -32.85 12.73 -18.60
CA MET B 271 -34.26 12.40 -18.41
C MET B 271 -34.60 12.05 -16.97
N ASN B 272 -33.86 12.64 -16.03
CA ASN B 272 -34.16 12.40 -14.62
C ASN B 272 -34.25 10.91 -14.31
N ALA B 273 -33.45 10.09 -14.98
CA ALA B 273 -33.64 8.64 -14.87
C ALA B 273 -33.41 8.14 -13.45
N ARG B 274 -32.39 8.65 -12.76
CA ARG B 274 -32.08 8.12 -11.44
C ARG B 274 -33.18 8.44 -10.44
N SER B 275 -33.75 9.66 -10.48
CA SER B 275 -34.86 9.94 -9.57
C SER B 275 -36.07 9.06 -9.87
N LYS B 276 -36.22 8.63 -11.12
CA LYS B 276 -37.26 7.69 -11.45
C LYS B 276 -36.85 6.22 -11.28
N ASN B 277 -35.60 5.95 -10.88
CA ASN B 277 -35.03 4.59 -10.83
C ASN B 277 -35.17 3.87 -12.16
N VAL B 278 -34.97 4.60 -13.26
CA VAL B 278 -34.90 3.96 -14.57
C VAL B 278 -33.42 3.65 -14.78
N GLY B 279 -33.02 2.45 -14.35
CA GLY B 279 -31.61 2.08 -14.35
C GLY B 279 -31.28 0.71 -14.87
N TRP B 280 -30.01 0.33 -14.67
CA TRP B 280 -29.41 -0.94 -15.08
C TRP B 280 -28.50 -1.44 -13.97
N ARG B 281 -28.43 -2.75 -13.76
CA ARG B 281 -27.44 -3.31 -12.83
C ARG B 281 -26.24 -3.71 -13.69
N LEU B 282 -25.23 -2.84 -13.72
CA LEU B 282 -24.05 -3.04 -14.55
C LEU B 282 -22.79 -3.39 -13.75
N ASP B 283 -22.84 -3.22 -12.44
CA ASP B 283 -21.72 -3.35 -11.54
C ASP B 283 -21.94 -4.55 -10.63
N TYR B 284 -20.92 -5.42 -10.54
CA TYR B 284 -21.09 -6.74 -9.94
C TYR B 284 -19.91 -7.07 -9.04
N PHE B 285 -20.19 -7.95 -8.04
CA PHE B 285 -19.19 -8.78 -7.40
C PHE B 285 -19.45 -10.22 -7.82
N LEU B 286 -18.55 -10.80 -8.61
CA LEU B 286 -18.65 -12.21 -8.97
C LEU B 286 -17.62 -13.03 -8.18
N LEU B 287 -18.00 -14.22 -7.72
CA LEU B 287 -17.11 -14.95 -6.83
C LEU B 287 -17.01 -16.40 -7.20
N SER B 288 -15.83 -16.99 -6.95
CA SER B 288 -15.70 -18.45 -7.04
C SER B 288 -16.72 -19.13 -6.16
N HIS B 289 -17.21 -20.28 -6.61
CA HIS B 289 -18.20 -21.02 -5.81
C HIS B 289 -17.67 -21.30 -4.40
N SER B 290 -16.35 -21.50 -4.25
CA SER B 290 -15.78 -21.88 -2.95
C SER B 290 -15.83 -20.74 -1.95
N LEU B 291 -16.07 -19.52 -2.42
CA LEU B 291 -16.21 -18.39 -1.54
C LEU B 291 -17.65 -18.20 -1.09
N LEU B 292 -18.63 -18.93 -1.67
CA LEU B 292 -20.02 -18.68 -1.28
C LEU B 292 -20.24 -18.90 0.21
N PRO B 293 -19.60 -19.85 0.89
CA PRO B 293 -19.79 -19.95 2.34
C PRO B 293 -19.23 -18.77 3.09
N ALA B 294 -18.31 -18.02 2.50
CA ALA B 294 -17.78 -16.81 3.15
C ALA B 294 -18.63 -15.57 2.86
N LEU B 295 -19.60 -15.65 1.94
CA LEU B 295 -20.34 -14.46 1.56
C LEU B 295 -21.35 -14.05 2.65
N CYS B 296 -21.26 -12.80 3.11
CA CYS B 296 -22.20 -12.22 4.06
C CYS B 296 -23.26 -11.37 3.39
N ASP B 297 -22.85 -10.46 2.50
CA ASP B 297 -23.85 -9.65 1.83
C ASP B 297 -23.19 -9.00 0.63
N SER B 298 -24.04 -8.58 -0.31
CA SER B 298 -23.60 -7.87 -1.48
C SER B 298 -24.54 -6.68 -1.60
N LYS B 299 -24.03 -5.47 -1.46
CA LYS B 299 -24.83 -4.26 -1.30
C LYS B 299 -24.81 -3.38 -2.53
N ILE B 300 -25.89 -2.58 -2.66
CA ILE B 300 -26.01 -1.58 -3.69
C ILE B 300 -26.28 -0.26 -2.99
N ARG B 301 -25.32 0.66 -3.08
CA ARG B 301 -25.35 1.88 -2.25
C ARG B 301 -26.08 2.98 -3.02
N SER B 302 -27.42 2.80 -3.13
CA SER B 302 -28.19 3.57 -4.12
C SER B 302 -28.12 5.07 -3.88
N LYS B 303 -27.95 5.48 -2.62
CA LYS B 303 -28.07 6.91 -2.30
C LYS B 303 -26.78 7.67 -2.45
N ALA B 304 -25.65 6.98 -2.68
CA ALA B 304 -24.36 7.66 -2.79
C ALA B 304 -24.20 8.34 -4.13
N LEU B 305 -24.06 9.65 -4.12
CA LEU B 305 -23.98 10.43 -5.35
C LEU B 305 -22.53 10.59 -5.79
N GLY B 306 -22.35 11.21 -6.97
CA GLY B 306 -21.00 11.50 -7.45
C GLY B 306 -20.68 10.96 -8.83
N SER B 307 -21.60 10.16 -9.40
CA SER B 307 -21.33 9.53 -10.69
C SER B 307 -22.69 9.15 -11.26
N ASP B 308 -22.70 8.62 -12.47
CA ASP B 308 -23.93 8.00 -12.93
C ASP B 308 -24.02 6.52 -12.54
N HIS B 309 -22.97 5.96 -11.93
CA HIS B 309 -23.09 4.70 -11.19
C HIS B 309 -23.08 4.98 -9.68
N CYS B 310 -23.72 4.12 -8.93
CA CYS B 310 -23.55 4.11 -7.48
C CYS B 310 -22.52 3.03 -7.07
N PRO B 311 -21.97 3.15 -5.85
CA PRO B 311 -21.08 2.12 -5.34
C PRO B 311 -21.82 0.83 -5.08
N ILE B 312 -21.05 -0.26 -5.08
CA ILE B 312 -21.47 -1.54 -4.50
C ILE B 312 -20.44 -1.98 -3.46
N THR B 313 -20.92 -2.78 -2.49
CA THR B 313 -20.08 -3.25 -1.40
C THR B 313 -20.29 -4.74 -1.11
N LEU B 314 -19.18 -5.43 -0.88
CA LEU B 314 -19.16 -6.86 -0.61
C LEU B 314 -18.65 -7.05 0.80
N TYR B 315 -19.30 -7.93 1.57
CA TYR B 315 -18.77 -8.37 2.85
C TYR B 315 -18.45 -9.84 2.75
N LEU B 316 -17.24 -10.23 3.14
CA LEU B 316 -16.86 -11.64 3.21
C LEU B 316 -16.30 -11.97 4.58
N ALA B 317 -16.59 -13.17 5.08
CA ALA B 317 -16.04 -13.66 6.34
C ALA B 317 -14.89 -14.57 5.99
N LEU B 318 -13.68 -14.00 6.00
CA LEU B 318 -12.52 -14.76 5.56
C LEU B 318 -11.71 -15.22 6.76
#